data_7R9P
#
_entry.id   7R9P
#
_cell.length_a   53.258
_cell.length_b   57.105
_cell.length_c   61.646
_cell.angle_alpha   85.770
_cell.angle_beta   85.380
_cell.angle_gamma   67.650
#
_symmetry.space_group_name_H-M   'P 1'
#
loop_
_entity.id
_entity.type
_entity.pdbx_description
1 polymer 'Hematopoietic progenitor kinase'
2 non-polymer "6-amino-2-fluoro-N,N-dimethyl-3-(4'-methylspiro[cyclopropane-1,3'-pyrrolo[2,3-b]pyridin]-5'-yl)benzamide"
3 non-polymer 'SULFATE ION'
4 water water
#
_entity_poly.entity_id   1
_entity_poly.type   'polypeptide(L)'
_entity_poly.pdbx_seq_one_letter_code
;GSDVVDPDIFNRDPRDHYDLLQRLGGGTYGEVFKARDKVSGDLVALKMVKMEPDDDVSTLQKEILILKTCRHANIVAYHG
SYLWLQKLWICMEFCGAGSLQDIYQVTGSLSELQISYVCREVLQGLAYLHSQKKIHRDIKGANILINDAGEVRLADFGIS
AQIGAELARRLEFIGTPYWMAPEVAAVALKGGYNELCDIWSLGITAIELAELQPPLFDVHPLRVLFLMTKSGYQPPRLKE
KGKWSAAFHNFIKVTLTKSPKKRPSATKMLSHQLVSQPGLNRGLILDLLDKLKNGNS
;
_entity_poly.pdbx_strand_id   A,B
#
loop_
_chem_comp.id
_chem_comp.type
_chem_comp.name
_chem_comp.formula
2WI non-polymer 6-amino-2-fluoro-N,N-dimethyl-3-(4'-methylspiro[cyclopropane-1,3'-pyrrolo[2,3-b]pyridin]-5'-yl)benzamide 'C19 H19 F N4 O'
SO4 non-polymer 'SULFATE ION' 'O4 S -2'
#
# COMPACT_ATOMS: atom_id res chain seq x y z
N ASP A 6 12.38 -23.03 -9.49
CA ASP A 6 13.83 -23.10 -9.55
C ASP A 6 14.27 -24.49 -10.01
N PRO A 7 14.84 -24.58 -11.21
CA PRO A 7 15.29 -25.88 -11.72
C PRO A 7 16.58 -26.36 -11.12
N ASP A 8 17.39 -25.47 -10.53
CA ASP A 8 18.64 -25.85 -9.90
C ASP A 8 18.45 -26.37 -8.49
N ILE A 9 17.21 -26.50 -8.02
CA ILE A 9 16.98 -26.82 -6.62
C ILE A 9 17.45 -28.24 -6.33
N PHE A 10 18.09 -28.40 -5.18
CA PHE A 10 18.49 -29.73 -4.72
C PHE A 10 17.30 -30.44 -4.10
N ASN A 11 16.98 -31.63 -4.59
CA ASN A 11 15.90 -32.43 -4.04
C ASN A 11 16.47 -33.48 -3.09
N ARG A 12 16.88 -33.01 -1.92
CA ARG A 12 17.48 -33.88 -0.92
C ARG A 12 17.53 -33.14 0.41
N ASP A 13 17.94 -33.87 1.44
CA ASP A 13 18.13 -33.30 2.76
C ASP A 13 19.48 -32.57 2.79
N PRO A 14 19.52 -31.28 3.16
CA PRO A 14 20.81 -30.58 3.20
C PRO A 14 21.80 -31.19 4.16
N ARG A 15 21.35 -31.95 5.15
CA ARG A 15 22.28 -32.61 6.06
C ARG A 15 23.02 -33.78 5.40
N ASP A 16 22.59 -34.21 4.21
CA ASP A 16 23.45 -35.06 3.38
C ASP A 16 24.80 -34.40 3.14
N HIS A 17 24.79 -33.11 2.85
CA HIS A 17 26.00 -32.38 2.47
C HIS A 17 26.61 -31.58 3.61
N TYR A 18 25.80 -31.15 4.59
CA TYR A 18 26.25 -30.20 5.59
C TYR A 18 26.01 -30.73 6.99
N ASP A 19 26.91 -30.35 7.89
CA ASP A 19 26.81 -30.61 9.31
C ASP A 19 26.28 -29.35 9.99
N LEU A 20 25.10 -29.44 10.59
CA LEU A 20 24.51 -28.28 11.27
C LEU A 20 25.21 -28.07 12.61
N LEU A 21 25.74 -26.87 12.83
CA LEU A 21 26.59 -26.61 13.99
C LEU A 21 25.93 -25.79 15.08
N GLN A 22 25.21 -24.73 14.74
CA GLN A 22 24.62 -23.88 15.77
C GLN A 22 23.68 -22.89 15.12
N ARG A 23 22.70 -22.42 15.88
CA ARG A 23 21.78 -21.40 15.41
C ARG A 23 22.45 -20.03 15.45
N LEU A 24 22.07 -19.18 14.50
CA LEU A 24 22.73 -17.90 14.29
C LEU A 24 21.76 -16.74 14.51
N GLY A 25 22.30 -15.63 14.98
CA GLY A 25 21.54 -14.40 15.11
C GLY A 25 20.42 -14.41 16.13
N GLY A 26 20.35 -15.42 16.99
CA GLY A 26 19.33 -15.51 18.00
C GLY A 26 17.93 -15.72 17.49
N GLY A 27 17.76 -16.02 16.20
CA GLY A 27 16.45 -16.14 15.59
C GLY A 27 15.92 -14.86 14.99
N THR A 28 16.62 -13.74 15.17
CA THR A 28 16.20 -12.48 14.56
C THR A 28 16.09 -12.60 13.04
N TYR A 29 16.91 -13.44 12.42
CA TYR A 29 16.91 -13.63 10.98
C TYR A 29 16.15 -14.88 10.56
N GLY A 30 15.40 -15.47 11.47
CA GLY A 30 14.72 -16.72 11.18
C GLY A 30 15.54 -17.90 11.66
N GLU A 31 15.22 -19.06 11.08
CA GLU A 31 15.88 -20.30 11.46
C GLU A 31 17.12 -20.47 10.60
N VAL A 32 18.23 -19.88 11.06
CA VAL A 32 19.49 -19.82 10.31
C VAL A 32 20.55 -20.62 11.06
N PHE A 33 21.24 -21.50 10.34
CA PHE A 33 22.20 -22.41 10.95
C PHE A 33 23.59 -22.21 10.37
N LYS A 34 24.59 -22.18 11.25
CA LYS A 34 25.97 -22.35 10.83
C LYS A 34 26.20 -23.81 10.48
N ALA A 35 26.77 -24.08 9.31
CA ALA A 35 26.94 -25.45 8.86
C ALA A 35 28.28 -25.61 8.14
N ARG A 36 28.84 -26.81 8.26
CA ARG A 36 30.13 -27.17 7.67
C ARG A 36 29.92 -28.17 6.53
N ASP A 37 30.55 -27.90 5.40
CA ASP A 37 30.47 -28.79 4.25
C ASP A 37 31.19 -30.10 4.58
N LYS A 38 30.47 -31.22 4.46
CA LYS A 38 31.00 -32.49 4.97
C LYS A 38 32.14 -33.05 4.13
N VAL A 39 32.37 -32.53 2.92
CA VAL A 39 33.54 -32.88 2.13
C VAL A 39 34.54 -31.72 2.05
N SER A 40 34.04 -30.49 1.85
CA SER A 40 34.93 -29.34 1.74
C SER A 40 35.51 -28.94 3.08
N GLY A 41 34.69 -28.96 4.14
CA GLY A 41 35.03 -28.29 5.37
C GLY A 41 34.61 -26.83 5.40
N ASP A 42 34.21 -26.27 4.26
CA ASP A 42 33.77 -24.88 4.18
C ASP A 42 32.55 -24.63 5.07
N LEU A 43 32.41 -23.38 5.49
CA LEU A 43 31.29 -22.97 6.33
C LEU A 43 30.26 -22.21 5.51
N VAL A 44 28.98 -22.53 5.74
CA VAL A 44 27.87 -21.86 5.09
C VAL A 44 26.83 -21.50 6.15
N ALA A 45 25.88 -20.66 5.76
CA ALA A 45 24.71 -20.36 6.57
C ALA A 45 23.49 -20.91 5.85
N LEU A 46 22.74 -21.76 6.55
CA LEU A 46 21.52 -22.37 6.02
C LEU A 46 20.31 -21.80 6.74
N LYS A 47 19.41 -21.17 5.98
CA LYS A 47 18.15 -20.68 6.52
C LYS A 47 17.05 -21.68 6.18
N MET A 48 16.35 -22.16 7.21
CA MET A 48 15.28 -23.13 7.05
C MET A 48 13.94 -22.41 7.09
N VAL A 49 13.13 -22.60 6.06
CA VAL A 49 11.82 -21.99 5.96
C VAL A 49 10.77 -23.10 5.91
N LYS A 50 9.80 -23.03 6.81
CA LYS A 50 8.71 -24.00 6.83
C LYS A 50 7.70 -23.62 5.74
N MET A 51 7.53 -24.50 4.75
CA MET A 51 6.53 -24.29 3.72
C MET A 51 5.26 -25.10 3.98
N ASP A 55 -0.49 -23.14 0.35
CA ASP A 55 -0.04 -21.83 0.84
C ASP A 55 0.74 -21.05 -0.23
N ASP A 56 0.84 -19.74 -0.03
CA ASP A 56 1.55 -18.88 -0.98
C ASP A 56 3.06 -19.05 -0.81
N VAL A 57 3.76 -19.13 -1.94
CA VAL A 57 5.22 -19.26 -1.94
C VAL A 57 5.82 -18.21 -2.87
N SER A 58 5.00 -17.24 -3.28
CA SER A 58 5.46 -16.21 -4.22
C SER A 58 6.48 -15.27 -3.58
N THR A 59 6.27 -14.91 -2.31
CA THR A 59 7.23 -14.05 -1.62
C THR A 59 8.57 -14.76 -1.46
N LEU A 60 8.54 -16.01 -1.01
CA LEU A 60 9.78 -16.76 -0.82
C LEU A 60 10.47 -17.03 -2.15
N GLN A 61 9.70 -17.33 -3.18
CA GLN A 61 10.28 -17.50 -4.52
C GLN A 61 10.96 -16.22 -4.98
N LYS A 62 10.38 -15.06 -4.69
CA LYS A 62 10.95 -13.80 -5.13
C LYS A 62 12.22 -13.48 -4.36
N GLU A 63 12.24 -13.79 -3.07
CA GLU A 63 13.43 -13.53 -2.25
C GLU A 63 14.62 -14.32 -2.75
N ILE A 64 14.40 -15.56 -3.19
CA ILE A 64 15.49 -16.39 -3.66
C ILE A 64 15.95 -15.92 -5.04
N LEU A 65 15.01 -15.50 -5.89
CA LEU A 65 15.38 -14.99 -7.21
C LEU A 65 16.22 -13.72 -7.10
N ILE A 66 15.81 -12.80 -6.21
CA ILE A 66 16.64 -11.64 -5.91
C ILE A 66 18.05 -12.05 -5.51
N LEU A 67 18.16 -13.10 -4.69
CA LEU A 67 19.45 -13.49 -4.15
C LEU A 67 20.33 -14.13 -5.21
N LYS A 68 19.81 -15.14 -5.93
CA LYS A 68 20.66 -15.90 -6.83
C LYS A 68 21.11 -15.10 -8.05
N THR A 69 20.36 -14.06 -8.44
CA THR A 69 20.76 -13.18 -9.52
C THR A 69 21.66 -12.04 -9.06
N CYS A 70 22.15 -12.11 -7.81
CA CYS A 70 23.14 -11.18 -7.28
C CYS A 70 24.50 -11.87 -7.27
N ARG A 71 25.48 -11.27 -7.95
CA ARG A 71 26.86 -11.76 -8.00
C ARG A 71 27.76 -10.56 -7.76
N HIS A 72 27.88 -10.15 -6.50
CA HIS A 72 28.67 -8.98 -6.16
C HIS A 72 29.27 -9.16 -4.78
N ALA A 73 30.52 -8.70 -4.62
CA ALA A 73 31.27 -8.97 -3.41
C ALA A 73 30.56 -8.47 -2.16
N ASN A 74 29.78 -7.39 -2.26
CA ASN A 74 29.16 -6.79 -1.09
C ASN A 74 27.73 -7.29 -0.83
N ILE A 75 27.26 -8.27 -1.60
CA ILE A 75 25.99 -8.93 -1.34
C ILE A 75 26.29 -10.36 -0.93
N VAL A 76 25.69 -10.81 0.17
CA VAL A 76 25.93 -12.17 0.67
C VAL A 76 25.69 -13.16 -0.46
N ALA A 77 26.64 -14.07 -0.64
CA ALA A 77 26.63 -14.95 -1.81
C ALA A 77 25.60 -16.05 -1.64
N TYR A 78 25.05 -16.50 -2.77
CA TYR A 78 24.04 -17.53 -2.80
C TYR A 78 24.63 -18.80 -3.38
N HIS A 79 24.47 -19.91 -2.68
CA HIS A 79 25.04 -21.19 -3.10
C HIS A 79 24.02 -22.19 -3.62
N GLY A 80 22.77 -22.11 -3.20
CA GLY A 80 21.78 -23.06 -3.66
C GLY A 80 20.67 -23.24 -2.64
N SER A 81 19.71 -24.09 -3.00
CA SER A 81 18.53 -24.29 -2.20
C SER A 81 18.14 -25.77 -2.19
N TYR A 82 17.83 -26.28 -0.99
CA TYR A 82 17.38 -27.65 -0.80
C TYR A 82 15.90 -27.63 -0.47
N LEU A 83 15.13 -28.50 -1.11
CA LEU A 83 13.72 -28.70 -0.79
C LEU A 83 13.54 -30.13 -0.30
N TRP A 84 13.07 -30.28 0.95
CA TRP A 84 12.97 -31.59 1.54
C TRP A 84 11.98 -31.54 2.71
N LEU A 85 10.96 -32.39 2.66
CA LEU A 85 10.01 -32.56 3.76
C LEU A 85 9.36 -31.22 4.15
N GLN A 86 8.78 -30.56 3.16
CA GLN A 86 8.08 -29.28 3.34
C GLN A 86 8.99 -28.20 3.94
N LYS A 87 10.29 -28.33 3.73
CA LYS A 87 11.26 -27.34 4.19
C LYS A 87 12.11 -26.89 3.01
N LEU A 88 12.29 -25.59 2.89
CA LEU A 88 13.18 -25.01 1.91
C LEU A 88 14.39 -24.46 2.65
N TRP A 89 15.58 -24.92 2.28
CA TRP A 89 16.83 -24.49 2.89
C TRP A 89 17.60 -23.65 1.90
N ILE A 90 17.88 -22.41 2.26
CA ILE A 90 18.61 -21.48 1.41
C ILE A 90 20.04 -21.40 1.93
N CYS A 91 21.00 -21.81 1.10
CA CYS A 91 22.39 -21.89 1.49
C CYS A 91 23.11 -20.62 1.03
N MET A 92 23.76 -19.95 1.97
CA MET A 92 24.37 -18.66 1.73
C MET A 92 25.76 -18.60 2.35
N GLU A 93 26.48 -17.54 2.00
CA GLU A 93 27.78 -17.28 2.60
C GLU A 93 27.63 -16.98 4.08
N PHE A 94 28.57 -17.47 4.88
CA PHE A 94 28.57 -17.28 6.33
C PHE A 94 29.47 -16.12 6.69
N CYS A 95 28.93 -15.16 7.44
CA CYS A 95 29.68 -13.99 7.88
C CYS A 95 29.92 -14.15 9.37
N GLY A 96 31.13 -14.62 9.72
CA GLY A 96 31.44 -15.14 11.04
C GLY A 96 31.39 -14.14 12.17
N ALA A 97 31.31 -12.85 11.89
CA ALA A 97 31.23 -11.84 12.94
C ALA A 97 29.80 -11.36 13.21
N GLY A 98 28.83 -11.85 12.46
CA GLY A 98 27.47 -11.38 12.64
C GLY A 98 27.25 -10.04 11.96
N SER A 99 26.36 -9.24 12.53
CA SER A 99 26.04 -7.93 11.99
C SER A 99 26.69 -6.85 12.83
N LEU A 100 26.73 -5.63 12.27
CA LEU A 100 27.28 -4.50 12.99
C LEU A 100 26.56 -4.24 14.30
N GLN A 101 25.24 -4.48 14.35
CA GLN A 101 24.51 -4.27 15.59
C GLN A 101 25.02 -5.20 16.69
N ASP A 102 25.17 -6.50 16.36
CA ASP A 102 25.79 -7.42 17.30
C ASP A 102 27.13 -6.88 17.78
N ILE A 103 27.90 -6.26 16.89
CA ILE A 103 29.25 -5.80 17.26
C ILE A 103 29.17 -4.57 18.15
N TYR A 104 28.52 -3.49 17.69
CA TYR A 104 28.55 -2.27 18.49
C TYR A 104 27.80 -2.41 19.80
N GLN A 105 26.96 -3.44 19.95
CA GLN A 105 26.35 -3.69 21.25
C GLN A 105 27.33 -4.24 22.28
N VAL A 106 28.55 -4.58 21.88
CA VAL A 106 29.61 -4.94 22.81
C VAL A 106 30.78 -3.99 22.74
N THR A 107 31.16 -3.55 21.53
CA THR A 107 32.32 -2.66 21.40
C THR A 107 31.98 -1.21 21.71
N GLY A 108 30.74 -0.79 21.51
CA GLY A 108 30.40 0.62 21.55
C GLY A 108 30.40 1.24 20.17
N SER A 109 30.40 2.57 20.14
CA SER A 109 30.27 3.27 18.87
C SER A 109 31.50 3.06 18.00
N LEU A 110 31.26 2.95 16.70
CA LEU A 110 32.35 2.80 15.75
C LEU A 110 33.08 4.13 15.56
N SER A 111 34.36 4.04 15.20
CA SER A 111 35.08 5.22 14.78
C SER A 111 34.57 5.70 13.43
N GLU A 112 34.82 6.97 13.12
CA GLU A 112 34.38 7.54 11.86
C GLU A 112 34.99 6.80 10.68
N LEU A 113 36.29 6.47 10.76
CA LEU A 113 36.95 5.74 9.69
C LEU A 113 36.27 4.40 9.44
N GLN A 114 36.00 3.66 10.51
CA GLN A 114 35.25 2.41 10.39
C GLN A 114 33.88 2.65 9.77
N ILE A 115 33.18 3.70 10.22
CA ILE A 115 31.88 4.02 9.64
C ILE A 115 32.02 4.40 8.17
N SER A 116 33.04 5.21 7.85
CA SER A 116 33.23 5.60 6.45
C SER A 116 33.47 4.38 5.57
N TYR A 117 34.31 3.45 6.04
CA TYR A 117 34.53 2.22 5.26
C TYR A 117 33.25 1.42 5.11
N VAL A 118 32.48 1.27 6.20
CA VAL A 118 31.20 0.56 6.10
C VAL A 118 30.32 1.21 5.04
N CYS A 119 30.21 2.54 5.07
CA CYS A 119 29.33 3.22 4.14
C CYS A 119 29.76 3.01 2.70
N ARG A 120 31.07 3.02 2.43
CA ARG A 120 31.55 2.81 1.07
C ARG A 120 31.16 1.42 0.55
N GLU A 121 31.32 0.41 1.39
CA GLU A 121 31.01 -0.97 0.99
C GLU A 121 29.51 -1.15 0.73
N VAL A 122 28.67 -0.57 1.58
CA VAL A 122 27.22 -0.66 1.39
C VAL A 122 26.80 0.05 0.11
N LEU A 123 27.37 1.23 -0.16
CA LEU A 123 27.06 1.95 -1.39
C LEU A 123 27.45 1.14 -2.61
N GLN A 124 28.56 0.42 -2.55
CA GLN A 124 28.92 -0.48 -3.64
C GLN A 124 27.85 -1.54 -3.85
N GLY A 125 27.39 -2.16 -2.75
CA GLY A 125 26.32 -3.12 -2.88
C GLY A 125 25.02 -2.50 -3.36
N LEU A 126 24.67 -1.32 -2.83
CA LEU A 126 23.44 -0.66 -3.26
C LEU A 126 23.50 -0.28 -4.74
N ALA A 127 24.65 0.24 -5.20
CA ALA A 127 24.77 0.63 -6.60
C ALA A 127 24.61 -0.59 -7.53
N TYR A 128 25.11 -1.75 -7.10
CA TYR A 128 24.90 -2.96 -7.88
C TYR A 128 23.43 -3.38 -7.87
N LEU A 129 22.80 -3.37 -6.69
CA LEU A 129 21.39 -3.74 -6.59
C LEU A 129 20.52 -2.84 -7.45
N HIS A 130 20.75 -1.53 -7.35
CA HIS A 130 19.94 -0.59 -8.13
C HIS A 130 20.19 -0.71 -9.62
N SER A 131 21.40 -1.08 -10.03
CA SER A 131 21.66 -1.34 -11.45
C SER A 131 20.92 -2.57 -11.93
N GLN A 132 20.37 -3.39 -11.03
CA GLN A 132 19.50 -4.49 -11.40
C GLN A 132 18.03 -4.13 -11.25
N LYS A 133 17.73 -2.88 -10.93
CA LYS A 133 16.36 -2.45 -10.62
C LYS A 133 15.80 -3.21 -9.41
N LYS A 134 16.67 -3.46 -8.44
CA LYS A 134 16.30 -4.01 -7.15
C LYS A 134 16.39 -2.92 -6.10
N ILE A 135 15.50 -3.01 -5.10
CA ILE A 135 15.48 -2.12 -3.96
C ILE A 135 15.64 -2.98 -2.72
N HIS A 136 16.58 -2.62 -1.85
CA HIS A 136 16.77 -3.38 -0.62
C HIS A 136 15.63 -3.12 0.36
N ARG A 137 15.43 -1.86 0.71
CA ARG A 137 14.33 -1.31 1.53
C ARG A 137 14.48 -1.61 3.02
N ASP A 138 15.52 -2.34 3.45
CA ASP A 138 15.69 -2.67 4.86
C ASP A 138 17.15 -2.48 5.27
N ILE A 139 17.78 -1.40 4.84
CA ILE A 139 19.16 -1.12 5.23
C ILE A 139 19.18 -0.66 6.69
N LYS A 140 19.97 -1.36 7.50
CA LYS A 140 20.20 -1.01 8.89
C LYS A 140 21.33 -1.89 9.40
N GLY A 141 21.85 -1.55 10.57
CA GLY A 141 23.02 -2.24 11.10
C GLY A 141 22.85 -3.74 11.16
N ALA A 142 21.65 -4.19 11.50
CA ALA A 142 21.40 -5.63 11.63
C ALA A 142 21.50 -6.36 10.31
N ASN A 143 21.36 -5.66 9.17
CA ASN A 143 21.42 -6.30 7.87
C ASN A 143 22.74 -6.06 7.16
N ILE A 144 23.69 -5.41 7.81
CA ILE A 144 25.03 -5.25 7.29
C ILE A 144 25.91 -6.26 8.03
N LEU A 145 26.25 -7.35 7.36
CA LEU A 145 27.01 -8.44 7.96
C LEU A 145 28.50 -8.27 7.72
N ILE A 146 29.28 -8.86 8.62
CA ILE A 146 30.73 -8.74 8.64
C ILE A 146 31.32 -10.14 8.77
N ASN A 147 32.25 -10.49 7.88
CA ASN A 147 32.92 -11.78 8.06
C ASN A 147 34.19 -11.59 8.89
N ASP A 148 34.84 -12.72 9.18
CA ASP A 148 36.06 -12.67 9.99
C ASP A 148 37.20 -11.94 9.27
N ALA A 149 37.13 -11.81 7.95
CA ALA A 149 38.14 -11.04 7.23
C ALA A 149 37.89 -9.54 7.32
N GLY A 150 36.82 -9.11 7.95
CA GLY A 150 36.50 -7.70 8.01
C GLY A 150 35.79 -7.17 6.79
N GLU A 151 35.34 -8.04 5.90
CA GLU A 151 34.61 -7.64 4.71
C GLU A 151 33.12 -7.45 5.04
N VAL A 152 32.45 -6.70 4.18
CA VAL A 152 31.10 -6.19 4.45
C VAL A 152 30.14 -6.74 3.40
N ARG A 153 29.01 -7.27 3.86
CA ARG A 153 28.01 -7.87 2.98
C ARG A 153 26.61 -7.44 3.41
N LEU A 154 25.80 -7.02 2.45
CA LEU A 154 24.39 -6.77 2.67
C LEU A 154 23.63 -8.09 2.67
N ALA A 155 22.65 -8.21 3.56
CA ALA A 155 21.94 -9.47 3.71
C ALA A 155 20.45 -9.22 3.90
N ASP A 156 19.71 -10.35 3.94
CA ASP A 156 18.29 -10.43 4.24
C ASP A 156 17.45 -9.57 3.31
N PHE A 157 16.95 -10.17 2.23
CA PHE A 157 16.04 -9.51 1.31
C PHE A 157 14.58 -9.84 1.61
N GLY A 158 14.25 -10.10 2.88
CA GLY A 158 12.89 -10.46 3.23
C GLY A 158 11.89 -9.36 2.92
N ILE A 159 12.15 -8.15 3.43
CA ILE A 159 11.27 -7.02 3.15
C ILE A 159 11.18 -6.77 1.65
N SER A 160 12.35 -6.71 0.99
CA SER A 160 12.40 -6.46 -0.46
C SER A 160 11.48 -7.40 -1.23
N ALA A 161 11.55 -8.69 -0.92
CA ALA A 161 10.71 -9.67 -1.61
C ALA A 161 9.23 -9.44 -1.32
N GLN A 162 8.89 -9.09 -0.07
CA GLN A 162 7.50 -8.87 0.30
C GLN A 162 6.90 -7.72 -0.51
N ILE A 163 7.62 -6.60 -0.60
CA ILE A 163 7.13 -5.44 -1.32
C ILE A 163 6.96 -5.76 -2.80
N GLY A 164 7.89 -6.53 -3.37
CA GLY A 164 7.74 -6.96 -4.75
C GLY A 164 6.57 -7.90 -4.95
N ALA A 165 6.34 -8.81 -3.99
CA ALA A 165 5.27 -9.79 -4.13
C ALA A 165 3.90 -9.16 -3.91
N GLU A 166 3.80 -8.23 -2.96
CA GLU A 166 2.53 -7.55 -2.73
C GLU A 166 2.12 -6.70 -3.93
N LEU A 167 3.09 -6.03 -4.56
CA LEU A 167 2.76 -5.19 -5.71
C LEU A 167 2.34 -6.02 -6.92
N ALA A 168 2.88 -7.24 -7.06
CA ALA A 168 2.47 -8.08 -8.18
C ALA A 168 1.10 -8.70 -7.93
N ARG A 169 0.84 -9.15 -6.70
CA ARG A 169 -0.43 -9.80 -6.41
C ARG A 169 -1.59 -8.80 -6.44
N ARG A 170 -1.35 -7.55 -6.07
CA ARG A 170 -2.40 -6.54 -6.16
C ARG A 170 -2.74 -6.24 -7.61
N LEU A 171 -1.74 -6.25 -8.50
CA LEU A 171 -2.03 -6.12 -9.92
C LEU A 171 -2.87 -7.28 -10.43
N GLU A 172 -2.66 -8.49 -9.89
CA GLU A 172 -3.47 -9.63 -10.31
C GLU A 172 -4.91 -9.49 -9.87
N PHE A 173 -5.18 -8.79 -8.77
CA PHE A 173 -6.53 -8.61 -8.22
C PHE A 173 -6.82 -7.12 -8.06
N ILE A 174 -6.85 -6.41 -9.18
CA ILE A 174 -7.05 -4.96 -9.16
C ILE A 174 -8.52 -4.62 -9.40
N GLY A 175 -9.22 -5.48 -10.13
CA GLY A 175 -10.60 -5.22 -10.51
C GLY A 175 -10.69 -4.53 -11.86
N THR A 176 -11.79 -3.80 -12.03
CA THR A 176 -12.00 -3.03 -13.25
C THR A 176 -11.55 -1.60 -13.03
N PRO A 177 -10.64 -1.09 -13.86
CA PRO A 177 -10.06 0.25 -13.62
C PRO A 177 -10.69 1.37 -14.41
N TYR A 178 -11.83 1.14 -15.06
CA TYR A 178 -12.35 2.13 -16.02
C TYR A 178 -12.75 3.43 -15.34
N TRP A 179 -13.15 3.39 -14.07
CA TRP A 179 -13.48 4.59 -13.32
C TRP A 179 -12.31 5.07 -12.47
N MET A 180 -11.17 4.41 -12.55
CA MET A 180 -10.06 4.67 -11.65
C MET A 180 -9.27 5.90 -12.12
N ALA A 181 -8.82 6.70 -11.15
CA ALA A 181 -7.99 7.85 -11.46
C ALA A 181 -6.57 7.39 -11.82
N PRO A 182 -5.83 8.18 -12.60
CA PRO A 182 -4.50 7.73 -13.02
C PRO A 182 -3.50 7.61 -11.88
N GLU A 183 -3.54 8.50 -10.89
CA GLU A 183 -2.61 8.38 -9.76
C GLU A 183 -2.89 7.14 -8.93
N VAL A 184 -4.13 6.63 -8.98
CA VAL A 184 -4.42 5.36 -8.33
C VAL A 184 -3.77 4.22 -9.12
N ALA A 185 -3.80 4.32 -10.45
CA ALA A 185 -3.18 3.29 -11.28
C ALA A 185 -1.66 3.30 -11.15
N ALA A 186 -1.06 4.48 -11.01
CA ALA A 186 0.39 4.55 -10.88
C ALA A 186 0.87 3.88 -9.61
N VAL A 187 0.13 4.03 -8.51
CA VAL A 187 0.47 3.33 -7.28
C VAL A 187 0.36 1.83 -7.46
N ALA A 188 -0.64 1.39 -8.24
CA ALA A 188 -0.84 -0.03 -8.46
C ALA A 188 0.30 -0.64 -9.27
N LEU A 189 0.95 0.17 -10.12
CA LEU A 189 2.03 -0.33 -10.97
C LEU A 189 3.42 -0.03 -10.43
N LYS A 190 3.60 1.02 -9.63
CA LYS A 190 4.92 1.46 -9.23
C LYS A 190 5.09 1.71 -7.73
N GLY A 191 4.07 1.53 -6.92
CA GLY A 191 4.29 1.49 -5.49
C GLY A 191 4.31 2.82 -4.75
N GLY A 192 4.93 3.85 -5.32
CA GLY A 192 4.96 5.17 -4.71
C GLY A 192 6.34 5.72 -4.38
N TYR A 193 7.39 4.91 -4.43
CA TYR A 193 8.75 5.37 -4.18
C TYR A 193 9.72 4.60 -5.07
N ASN A 194 11.01 4.87 -4.92
CA ASN A 194 12.01 4.22 -5.76
C ASN A 194 13.22 3.84 -4.92
N GLU A 195 14.32 3.51 -5.60
CA GLU A 195 15.49 2.92 -4.94
C GLU A 195 16.23 3.92 -4.06
N LEU A 196 15.94 5.22 -4.20
CA LEU A 196 16.63 6.23 -3.40
C LEU A 196 16.21 6.21 -1.92
N CYS A 197 15.24 5.37 -1.54
CA CYS A 197 15.00 5.20 -0.12
C CYS A 197 16.18 4.54 0.58
N ASP A 198 16.89 3.64 -0.09
CA ASP A 198 18.04 2.98 0.51
C ASP A 198 19.13 3.97 0.90
N ILE A 199 19.29 5.05 0.13
CA ILE A 199 20.28 6.07 0.47
C ILE A 199 19.93 6.74 1.80
N TRP A 200 18.65 7.06 2.00
CA TRP A 200 18.22 7.60 3.29
C TRP A 200 18.50 6.60 4.41
N SER A 201 18.14 5.33 4.18
CA SER A 201 18.40 4.30 5.19
C SER A 201 19.87 4.20 5.54
N LEU A 202 20.77 4.42 4.57
CA LEU A 202 22.19 4.35 4.88
C LEU A 202 22.61 5.50 5.79
N GLY A 203 22.06 6.71 5.56
CA GLY A 203 22.37 7.83 6.42
C GLY A 203 21.95 7.59 7.86
N ILE A 204 20.75 7.05 8.07
CA ILE A 204 20.30 6.72 9.42
C ILE A 204 21.22 5.65 10.02
N THR A 205 21.58 4.64 9.23
CA THR A 205 22.50 3.61 9.68
C THR A 205 23.84 4.22 10.11
N ALA A 206 24.36 5.19 9.35
CA ALA A 206 25.61 5.82 9.73
C ALA A 206 25.50 6.45 11.12
N ILE A 207 24.38 7.12 11.40
CA ILE A 207 24.14 7.68 12.74
C ILE A 207 23.99 6.56 13.77
N GLU A 208 23.33 5.46 13.38
CA GLU A 208 23.19 4.32 14.26
C GLU A 208 24.54 3.77 14.69
N LEU A 209 25.48 3.66 13.75
CA LEU A 209 26.81 3.14 14.09
C LEU A 209 27.60 4.14 14.94
N ALA A 210 27.26 5.43 14.85
CA ALA A 210 27.94 6.45 15.63
C ALA A 210 27.35 6.62 17.02
N GLU A 211 26.04 6.43 17.18
CA GLU A 211 25.36 6.75 18.43
C GLU A 211 24.65 5.55 19.05
N LEU A 212 24.81 4.35 18.50
CA LEU A 212 24.29 3.08 19.00
C LEU A 212 22.77 2.97 18.93
N GLN A 213 22.07 3.95 18.39
CA GLN A 213 20.64 3.89 18.12
C GLN A 213 20.35 4.73 16.89
N PRO A 214 19.28 4.43 16.15
CA PRO A 214 18.81 5.37 15.14
C PRO A 214 18.10 6.54 15.80
N PRO A 215 17.92 7.65 15.09
CA PRO A 215 17.16 8.77 15.67
C PRO A 215 15.75 8.35 16.06
N LEU A 216 15.28 8.91 17.16
CA LEU A 216 13.89 8.73 17.59
C LEU A 216 13.61 7.29 17.99
N PHE A 217 14.63 6.54 18.42
CA PHE A 217 14.44 5.13 18.75
C PHE A 217 13.53 4.95 19.96
N ASP A 218 13.50 5.93 20.86
CA ASP A 218 12.64 5.86 22.04
C ASP A 218 11.23 6.40 21.77
N VAL A 219 10.93 6.83 20.55
CA VAL A 219 9.60 7.29 20.16
C VAL A 219 8.79 6.09 19.67
N HIS A 220 7.49 6.12 19.90
CA HIS A 220 6.63 5.03 19.45
C HIS A 220 6.66 4.95 17.93
N PRO A 221 6.79 3.75 17.36
CA PRO A 221 7.00 3.65 15.90
C PRO A 221 5.92 4.32 15.07
N LEU A 222 4.65 4.24 15.48
CA LEU A 222 3.58 4.87 14.72
C LEU A 222 3.70 6.39 14.77
N ARG A 223 4.05 6.95 15.93
CA ARG A 223 4.29 8.38 16.00
C ARG A 223 5.48 8.79 15.13
N VAL A 224 6.48 7.92 15.01
CA VAL A 224 7.62 8.22 14.15
C VAL A 224 7.17 8.32 12.70
N LEU A 225 6.30 7.40 12.26
CA LEU A 225 5.74 7.49 10.92
C LEU A 225 4.96 8.79 10.76
N PHE A 226 4.26 9.23 11.82
CA PHE A 226 3.45 10.43 11.71
C PHE A 226 4.32 11.68 11.58
N LEU A 227 5.37 11.78 12.40
CA LEU A 227 6.24 12.95 12.35
C LEU A 227 6.91 13.11 10.99
N MET A 228 7.24 11.99 10.34
CA MET A 228 7.88 12.00 9.03
C MET A 228 6.97 12.51 7.92
N THR A 229 5.67 12.63 8.17
CA THR A 229 4.74 13.12 7.15
C THR A 229 4.15 14.49 7.47
N LYS A 230 4.53 15.12 8.58
CA LYS A 230 3.86 16.34 9.04
C LYS A 230 4.00 17.51 8.06
N SER A 231 4.73 17.29 6.96
CA SER A 231 5.02 18.26 5.91
C SER A 231 5.96 19.35 6.37
N GLY A 232 6.51 19.24 7.59
CA GLY A 232 7.51 20.15 8.10
C GLY A 232 8.63 19.39 8.79
N TYR A 233 8.65 18.07 8.57
CA TYR A 233 9.65 17.20 9.18
C TYR A 233 11.05 17.64 8.78
N GLN A 234 11.98 17.57 9.73
CA GLN A 234 13.36 17.96 9.49
C GLN A 234 14.27 16.74 9.60
N PRO A 235 15.18 16.53 8.65
CA PRO A 235 16.08 15.37 8.72
C PRO A 235 16.92 15.41 9.97
N PRO A 236 17.19 14.25 10.57
CA PRO A 236 18.00 14.21 11.80
C PRO A 236 19.46 14.54 11.52
N ARG A 237 20.20 14.70 12.61
CA ARG A 237 21.60 15.05 12.56
C ARG A 237 22.36 14.24 13.59
N LEU A 238 23.69 14.35 13.56
CA LEU A 238 24.53 13.75 14.57
C LEU A 238 24.48 14.56 15.85
N LYS A 239 24.39 13.88 16.99
CA LYS A 239 24.18 14.56 18.26
C LYS A 239 25.42 15.36 18.68
N GLU A 240 26.59 14.70 18.71
CA GLU A 240 27.82 15.36 19.14
C GLU A 240 28.48 15.98 17.92
N LYS A 241 28.32 17.30 17.78
CA LYS A 241 28.77 17.98 16.56
C LYS A 241 30.29 17.98 16.45
N GLY A 242 30.99 18.28 17.54
CA GLY A 242 32.45 18.38 17.50
C GLY A 242 33.17 17.05 17.42
N LYS A 243 32.49 15.95 17.73
CA LYS A 243 33.13 14.63 17.71
C LYS A 243 33.44 14.18 16.30
N TRP A 244 32.70 14.67 15.30
CA TRP A 244 32.78 14.18 13.94
C TRP A 244 33.28 15.28 13.01
N SER A 245 33.91 14.87 11.91
CA SER A 245 34.44 15.79 10.93
C SER A 245 33.32 16.37 10.06
N ALA A 246 33.67 17.42 9.31
CA ALA A 246 32.69 18.07 8.44
C ALA A 246 32.28 17.18 7.27
N ALA A 247 33.17 16.28 6.83
CA ALA A 247 32.80 15.35 5.77
C ALA A 247 31.68 14.41 6.22
N PHE A 248 31.75 13.95 7.48
CA PHE A 248 30.73 13.06 8.01
C PHE A 248 29.40 13.80 8.17
N HIS A 249 29.43 15.00 8.74
CA HIS A 249 28.21 15.80 8.86
C HIS A 249 27.58 16.09 7.51
N ASN A 250 28.41 16.36 6.50
CA ASN A 250 27.89 16.65 5.18
C ASN A 250 27.35 15.38 4.52
N PHE A 251 28.03 14.26 4.70
CA PHE A 251 27.54 12.97 4.21
C PHE A 251 26.16 12.68 4.76
N ILE A 252 25.97 12.86 6.06
CA ILE A 252 24.66 12.65 6.67
C ILE A 252 23.64 13.61 6.09
N LYS A 253 24.06 14.85 5.84
CA LYS A 253 23.13 15.86 5.35
C LYS A 253 22.62 15.52 3.94
N VAL A 254 23.50 15.00 3.08
CA VAL A 254 23.07 14.75 1.70
C VAL A 254 22.35 13.42 1.57
N THR A 255 22.75 12.40 2.33
CA THR A 255 22.01 11.14 2.28
C THR A 255 20.61 11.30 2.88
N LEU A 256 20.46 12.19 3.85
CA LEU A 256 19.18 12.46 4.49
C LEU A 256 18.47 13.65 3.85
N THR A 257 18.53 13.76 2.53
CA THR A 257 17.76 14.78 1.81
C THR A 257 16.30 14.37 1.77
N LYS A 258 15.41 15.27 2.20
CA LYS A 258 14.01 14.89 2.39
C LYS A 258 13.37 14.48 1.07
N SER A 259 13.40 15.37 0.08
CA SER A 259 12.78 15.08 -1.21
C SER A 259 13.54 13.98 -1.92
N PRO A 260 12.87 12.90 -2.36
CA PRO A 260 13.58 11.87 -3.13
C PRO A 260 14.05 12.34 -4.49
N LYS A 261 13.39 13.34 -5.08
CA LYS A 261 13.80 13.84 -6.38
C LYS A 261 15.18 14.51 -6.33
N LYS A 262 15.62 14.91 -5.14
CA LYS A 262 16.91 15.58 -4.97
C LYS A 262 17.93 14.75 -4.19
N ARG A 263 17.58 13.52 -3.79
CA ARG A 263 18.49 12.72 -2.99
C ARG A 263 19.50 12.00 -3.90
N PRO A 264 20.79 12.14 -3.64
CA PRO A 264 21.80 11.58 -4.56
C PRO A 264 21.72 10.06 -4.64
N SER A 265 22.08 9.54 -5.81
CA SER A 265 22.09 8.10 -6.02
C SER A 265 23.28 7.47 -5.29
N ALA A 266 23.26 6.13 -5.22
CA ALA A 266 24.38 5.41 -4.64
C ALA A 266 25.67 5.69 -5.39
N THR A 267 25.63 5.57 -6.72
CA THR A 267 26.83 5.80 -7.53
C THR A 267 27.41 7.19 -7.27
N LYS A 268 26.56 8.21 -7.25
CA LYS A 268 27.04 9.55 -6.96
C LYS A 268 27.66 9.62 -5.56
N MET A 269 26.97 9.06 -4.56
CA MET A 269 27.49 9.09 -3.19
C MET A 269 28.85 8.42 -3.09
N LEU A 270 29.12 7.42 -3.93
CA LEU A 270 30.43 6.75 -3.90
C LEU A 270 31.58 7.70 -4.19
N SER A 271 31.32 8.87 -4.77
CA SER A 271 32.35 9.87 -5.02
C SER A 271 32.37 10.97 -3.97
N HIS A 272 31.69 10.76 -2.85
CA HIS A 272 31.70 11.72 -1.75
C HIS A 272 33.01 11.60 -0.97
N GLN A 273 33.43 12.74 -0.40
CA GLN A 273 34.73 12.82 0.27
C GLN A 273 34.87 11.77 1.36
N LEU A 274 33.78 11.48 2.08
CA LEU A 274 33.89 10.58 3.23
C LEU A 274 34.25 9.17 2.81
N VAL A 275 33.67 8.69 1.70
CA VAL A 275 33.87 7.29 1.30
C VAL A 275 35.00 7.12 0.29
N SER A 276 35.48 8.20 -0.32
CA SER A 276 36.59 8.13 -1.26
C SER A 276 37.93 8.45 -0.61
N GLN A 277 37.96 8.71 0.69
CA GLN A 277 39.20 9.05 1.37
C GLN A 277 40.10 7.83 1.47
N PRO A 278 41.41 8.02 1.62
CA PRO A 278 42.33 6.89 1.65
C PRO A 278 42.35 6.20 2.99
N GLY A 279 42.88 4.98 2.97
CA GLY A 279 42.97 4.17 4.16
C GLY A 279 41.73 3.37 4.48
N LEU A 280 40.70 3.45 3.65
CA LEU A 280 39.46 2.72 3.90
C LEU A 280 39.63 1.29 3.39
N ASN A 281 39.89 0.38 4.30
CA ASN A 281 40.05 -1.02 3.95
C ASN A 281 39.53 -1.87 5.10
N ARG A 282 39.38 -3.17 4.83
CA ARG A 282 38.85 -4.09 5.83
C ARG A 282 39.68 -4.14 7.11
N GLY A 283 40.88 -3.56 7.11
CA GLY A 283 41.68 -3.52 8.33
C GLY A 283 41.04 -2.68 9.42
N LEU A 284 40.25 -1.69 9.03
CA LEU A 284 39.51 -0.90 10.01
C LEU A 284 38.55 -1.77 10.80
N ILE A 285 37.91 -2.74 10.14
CA ILE A 285 36.98 -3.61 10.85
C ILE A 285 37.72 -4.74 11.56
N LEU A 286 38.89 -5.14 11.05
CA LEU A 286 39.74 -6.08 11.81
C LEU A 286 40.13 -5.49 13.16
N ASP A 287 40.36 -4.17 13.21
CA ASP A 287 40.59 -3.52 14.49
C ASP A 287 39.34 -3.57 15.36
N LEU A 288 38.16 -3.35 14.76
CA LEU A 288 36.92 -3.40 15.52
C LEU A 288 36.69 -4.79 16.11
N LEU A 289 36.86 -5.83 15.28
CA LEU A 289 36.68 -7.20 15.76
C LEU A 289 37.66 -7.54 16.87
N ASP A 290 38.91 -7.08 16.76
CA ASP A 290 39.87 -7.33 17.82
C ASP A 290 39.46 -6.66 19.11
N LYS A 291 38.89 -5.45 19.03
CA LYS A 291 38.34 -4.82 20.21
C LYS A 291 37.20 -5.67 20.79
N LEU A 292 36.37 -6.24 19.91
CA LEU A 292 35.32 -7.14 20.36
C LEU A 292 35.88 -8.34 21.11
N LYS A 293 37.03 -8.84 20.66
CA LYS A 293 37.62 -10.02 21.29
C LYS A 293 38.30 -9.68 22.60
N ASN A 294 38.97 -8.52 22.68
CA ASN A 294 39.76 -8.16 23.84
C ASN A 294 39.00 -7.28 24.83
N GLY A 295 38.70 -6.04 24.42
CA GLY A 295 38.03 -5.07 25.30
C GLY A 295 36.73 -5.62 25.88
N VAL B 4 -14.65 -7.40 18.81
CA VAL B 4 -16.04 -7.00 18.60
C VAL B 4 -16.23 -6.39 17.21
N VAL B 5 -17.27 -6.84 16.50
CA VAL B 5 -17.57 -6.29 15.18
C VAL B 5 -18.18 -4.89 15.29
N ASP B 6 -18.84 -4.58 16.42
CA ASP B 6 -19.65 -3.38 16.59
C ASP B 6 -20.25 -3.36 18.01
N PRO B 7 -20.08 -2.28 18.79
CA PRO B 7 -20.66 -2.28 20.15
C PRO B 7 -22.17 -2.20 20.20
N ASP B 8 -22.83 -2.03 19.06
CA ASP B 8 -24.29 -1.90 19.01
C ASP B 8 -24.96 -3.06 18.28
N ILE B 9 -24.25 -4.17 18.07
CA ILE B 9 -24.80 -5.30 17.35
C ILE B 9 -26.06 -5.81 18.04
N PHE B 10 -27.09 -6.07 17.25
CA PHE B 10 -28.29 -6.75 17.73
C PHE B 10 -28.01 -8.24 17.73
N ASN B 11 -27.91 -8.84 18.92
CA ASN B 11 -27.63 -10.27 19.04
C ASN B 11 -28.95 -11.05 18.98
N ARG B 12 -29.55 -11.01 17.80
CA ARG B 12 -30.83 -11.65 17.55
C ARG B 12 -30.97 -11.87 16.05
N ASP B 13 -31.79 -12.85 15.68
CA ASP B 13 -31.97 -13.18 14.28
C ASP B 13 -32.94 -12.19 13.63
N PRO B 14 -32.55 -11.55 12.52
CA PRO B 14 -33.44 -10.53 11.93
C PRO B 14 -34.72 -11.11 11.35
N ARG B 15 -34.78 -12.42 11.09
CA ARG B 15 -36.00 -13.02 10.57
C ARG B 15 -37.14 -13.00 11.57
N ASP B 16 -36.87 -12.74 12.86
CA ASP B 16 -37.93 -12.58 13.83
C ASP B 16 -38.60 -11.21 13.75
N HIS B 17 -37.95 -10.25 13.09
CA HIS B 17 -38.50 -8.91 12.93
C HIS B 17 -38.78 -8.55 11.48
N TYR B 18 -38.29 -9.33 10.52
CA TYR B 18 -38.37 -8.99 9.11
C TYR B 18 -38.81 -10.20 8.30
N ASP B 19 -39.64 -9.94 7.29
CA ASP B 19 -39.98 -10.95 6.29
C ASP B 19 -39.06 -10.72 5.09
N LEU B 20 -38.16 -11.65 4.85
CA LEU B 20 -37.28 -11.58 3.69
C LEU B 20 -38.11 -11.79 2.42
N LEU B 21 -38.01 -10.85 1.48
CA LEU B 21 -38.92 -10.80 0.33
C LEU B 21 -38.27 -11.35 -0.94
N GLN B 22 -37.13 -10.80 -1.34
CA GLN B 22 -36.52 -11.22 -2.59
C GLN B 22 -35.06 -10.80 -2.59
N ARG B 23 -34.29 -11.42 -3.47
CA ARG B 23 -32.87 -11.08 -3.62
C ARG B 23 -32.75 -9.83 -4.48
N LEU B 24 -31.68 -9.08 -4.26
CA LEU B 24 -31.49 -7.78 -4.87
C LEU B 24 -30.17 -7.72 -5.61
N GLY B 25 -30.18 -7.08 -6.79
CA GLY B 25 -28.96 -6.76 -7.50
C GLY B 25 -28.26 -7.93 -8.18
N GLY B 26 -28.86 -9.12 -8.15
CA GLY B 26 -28.26 -10.27 -8.81
C GLY B 26 -26.94 -10.72 -8.21
N GLY B 27 -26.71 -10.43 -6.93
CA GLY B 27 -25.49 -10.83 -6.27
C GLY B 27 -24.31 -9.91 -6.51
N THR B 28 -24.45 -8.93 -7.40
CA THR B 28 -23.38 -7.96 -7.67
C THR B 28 -22.93 -7.25 -6.41
N TYR B 29 -23.85 -7.00 -5.48
CA TYR B 29 -23.54 -6.33 -4.23
C TYR B 29 -23.43 -7.30 -3.06
N GLY B 30 -23.44 -8.60 -3.34
CA GLY B 30 -23.43 -9.62 -2.31
C GLY B 30 -24.80 -10.24 -2.13
N GLU B 31 -24.95 -10.90 -0.98
CA GLU B 31 -26.22 -11.56 -0.61
C GLU B 31 -27.11 -10.55 0.10
N VAL B 32 -27.68 -9.65 -0.68
CA VAL B 32 -28.54 -8.59 -0.18
C VAL B 32 -29.99 -8.95 -0.48
N PHE B 33 -30.86 -8.84 0.53
CA PHE B 33 -32.27 -9.15 0.37
C PHE B 33 -33.11 -7.93 0.70
N LYS B 34 -34.19 -7.77 -0.06
CA LYS B 34 -35.26 -6.85 0.32
C LYS B 34 -36.08 -7.50 1.42
N ALA B 35 -36.43 -6.73 2.45
CA ALA B 35 -37.09 -7.27 3.63
C ALA B 35 -38.14 -6.30 4.15
N ARG B 36 -39.23 -6.85 4.67
CA ARG B 36 -40.35 -6.07 5.17
C ARG B 36 -40.47 -6.27 6.67
N ASP B 37 -40.51 -5.15 7.41
CA ASP B 37 -40.78 -5.18 8.84
C ASP B 37 -42.10 -5.90 9.09
N LYS B 38 -42.25 -6.46 10.29
CA LYS B 38 -43.48 -7.18 10.59
C LYS B 38 -44.49 -6.32 11.32
N VAL B 39 -44.04 -5.56 12.32
CA VAL B 39 -44.97 -4.69 13.03
C VAL B 39 -45.26 -3.43 12.23
N SER B 40 -44.35 -3.04 11.33
CA SER B 40 -44.53 -1.94 10.41
C SER B 40 -44.46 -2.47 8.97
N GLY B 41 -44.65 -1.57 8.02
CA GLY B 41 -44.50 -1.95 6.62
C GLY B 41 -43.11 -1.63 6.13
N ASP B 42 -42.30 -0.92 6.94
CA ASP B 42 -41.03 -0.36 6.47
C ASP B 42 -40.17 -1.40 5.76
N LEU B 43 -39.63 -1.01 4.61
CA LEU B 43 -38.77 -1.87 3.82
C LEU B 43 -37.31 -1.54 4.10
N VAL B 44 -36.48 -2.58 4.11
CA VAL B 44 -35.05 -2.44 4.39
C VAL B 44 -34.29 -3.39 3.48
N ALA B 45 -33.01 -3.08 3.29
CA ALA B 45 -32.08 -3.97 2.61
C ALA B 45 -31.23 -4.68 3.65
N LEU B 46 -31.16 -6.02 3.56
CA LEU B 46 -30.40 -6.83 4.50
C LEU B 46 -29.32 -7.60 3.74
N LYS B 47 -28.06 -7.31 4.04
CA LYS B 47 -26.93 -7.99 3.42
C LYS B 47 -26.35 -8.99 4.40
N MET B 48 -26.40 -10.28 4.06
CA MET B 48 -25.96 -11.35 4.94
C MET B 48 -24.56 -11.80 4.55
N VAL B 49 -23.67 -11.87 5.53
CA VAL B 49 -22.30 -12.34 5.34
C VAL B 49 -22.10 -13.54 6.25
N LYS B 50 -21.59 -14.65 5.69
CA LYS B 50 -21.24 -15.82 6.48
C LYS B 50 -20.11 -15.47 7.45
N MET B 51 -20.18 -16.01 8.67
CA MET B 51 -19.25 -15.65 9.74
C MET B 51 -18.70 -16.91 10.39
N GLU B 52 -17.70 -17.53 9.74
CA GLU B 52 -17.11 -18.67 10.43
C GLU B 52 -16.01 -18.19 11.38
N PRO B 53 -15.75 -18.95 12.46
CA PRO B 53 -14.85 -18.44 13.51
C PRO B 53 -13.45 -18.09 13.03
N ASP B 54 -12.88 -18.88 12.13
CA ASP B 54 -11.50 -18.67 11.71
C ASP B 54 -11.35 -17.66 10.58
N ASP B 55 -12.42 -16.93 10.24
CA ASP B 55 -12.35 -15.88 9.24
C ASP B 55 -11.90 -14.58 9.90
N ASP B 56 -11.18 -13.76 9.13
CA ASP B 56 -10.84 -12.40 9.55
C ASP B 56 -11.99 -11.48 9.21
N VAL B 57 -12.44 -10.71 10.18
CA VAL B 57 -13.56 -9.79 10.02
C VAL B 57 -13.10 -8.34 10.02
N SER B 58 -11.81 -8.11 9.79
CA SER B 58 -11.25 -6.77 9.88
C SER B 58 -11.85 -5.86 8.81
N THR B 59 -11.95 -6.35 7.57
CA THR B 59 -12.53 -5.54 6.50
C THR B 59 -14.02 -5.31 6.74
N LEU B 60 -14.74 -6.33 7.22
CA LEU B 60 -16.17 -6.17 7.50
C LEU B 60 -16.42 -5.12 8.56
N GLN B 61 -15.56 -5.05 9.58
CA GLN B 61 -15.79 -4.12 10.67
C GLN B 61 -15.58 -2.68 10.23
N LYS B 62 -14.64 -2.44 9.32
CA LYS B 62 -14.41 -1.08 8.84
C LYS B 62 -15.57 -0.59 8.00
N GLU B 63 -16.07 -1.45 7.10
CA GLU B 63 -17.19 -1.04 6.24
C GLU B 63 -18.38 -0.63 7.07
N ILE B 64 -18.73 -1.45 8.08
CA ILE B 64 -19.84 -1.12 8.96
C ILE B 64 -19.59 0.21 9.65
N LEU B 65 -18.37 0.41 10.18
CA LEU B 65 -18.07 1.65 10.88
C LEU B 65 -18.17 2.86 9.94
N ILE B 66 -17.72 2.70 8.68
CA ILE B 66 -17.83 3.77 7.69
C ILE B 66 -19.29 4.12 7.45
N LEU B 67 -20.14 3.10 7.28
CA LEU B 67 -21.57 3.34 7.05
C LEU B 67 -22.23 3.88 8.31
N LYS B 68 -21.85 3.37 9.47
CA LYS B 68 -22.42 3.81 10.73
C LYS B 68 -22.13 5.28 10.98
N THR B 69 -20.92 5.73 10.66
CA THR B 69 -20.47 7.08 10.99
C THR B 69 -20.91 8.12 9.97
N CYS B 70 -21.58 7.72 8.89
CA CYS B 70 -22.13 8.65 7.92
C CYS B 70 -23.57 8.96 8.26
N ARG B 71 -23.90 10.24 8.35
CA ARG B 71 -25.28 10.68 8.50
C ARG B 71 -25.46 11.83 7.51
N HIS B 72 -25.84 11.48 6.29
CA HIS B 72 -25.93 12.47 5.22
C HIS B 72 -26.98 12.02 4.23
N ALA B 73 -27.68 13.00 3.64
CA ALA B 73 -28.82 12.70 2.80
C ALA B 73 -28.41 12.04 1.48
N ASN B 74 -27.14 12.09 1.10
CA ASN B 74 -26.67 11.48 -0.13
C ASN B 74 -25.86 10.21 0.10
N ILE B 75 -25.87 9.67 1.32
CA ILE B 75 -25.23 8.41 1.66
C ILE B 75 -26.31 7.46 2.17
N VAL B 76 -26.29 6.22 1.68
CA VAL B 76 -27.35 5.28 2.00
C VAL B 76 -27.44 5.07 3.51
N ALA B 77 -28.66 5.06 4.03
CA ALA B 77 -28.87 5.06 5.47
C ALA B 77 -28.55 3.70 6.08
N TYR B 78 -27.98 3.72 7.27
CA TYR B 78 -27.60 2.52 8.01
C TYR B 78 -28.50 2.40 9.23
N HIS B 79 -29.04 1.19 9.44
CA HIS B 79 -29.93 0.96 10.58
C HIS B 79 -29.29 0.16 11.70
N GLY B 80 -28.36 -0.71 11.39
CA GLY B 80 -27.71 -1.55 12.39
C GLY B 80 -27.36 -2.90 11.81
N SER B 81 -26.81 -3.74 12.67
CA SER B 81 -26.29 -5.04 12.27
C SER B 81 -26.82 -6.13 13.21
N TYR B 82 -27.10 -7.30 12.64
CA TYR B 82 -27.58 -8.46 13.39
C TYR B 82 -26.53 -9.57 13.34
N LEU B 83 -26.26 -10.16 14.50
CA LEU B 83 -25.35 -11.29 14.63
C LEU B 83 -26.08 -12.42 15.34
N TRP B 84 -26.24 -13.55 14.65
CA TRP B 84 -26.93 -14.71 15.21
C TRP B 84 -26.63 -15.92 14.35
N LEU B 85 -26.25 -17.03 15.00
CA LEU B 85 -25.99 -18.31 14.33
C LEU B 85 -24.97 -18.17 13.20
N GLN B 86 -23.87 -17.47 13.50
CA GLN B 86 -22.75 -17.31 12.57
C GLN B 86 -23.17 -16.65 11.25
N LYS B 87 -24.08 -15.68 11.34
CA LYS B 87 -24.48 -14.89 10.18
C LYS B 87 -24.58 -13.44 10.61
N LEU B 88 -23.94 -12.55 9.84
CA LEU B 88 -23.99 -11.12 10.10
C LEU B 88 -24.89 -10.47 9.06
N TRP B 89 -25.92 -9.78 9.52
CA TRP B 89 -26.87 -9.11 8.65
C TRP B 89 -26.71 -7.60 8.84
N ILE B 90 -26.26 -6.92 7.79
CA ILE B 90 -26.14 -5.47 7.79
C ILE B 90 -27.45 -4.89 7.26
N CYS B 91 -28.10 -4.06 8.05
CA CYS B 91 -29.42 -3.55 7.73
C CYS B 91 -29.32 -2.11 7.25
N MET B 92 -29.78 -1.86 6.02
CA MET B 92 -29.64 -0.57 5.39
C MET B 92 -30.94 -0.16 4.72
N GLU B 93 -31.05 1.14 4.46
CA GLU B 93 -32.15 1.69 3.67
C GLU B 93 -32.30 0.92 2.35
N PHE B 94 -33.55 0.68 1.97
CA PHE B 94 -33.85 0.05 0.70
C PHE B 94 -34.09 1.13 -0.34
N CYS B 95 -33.32 1.11 -1.43
CA CYS B 95 -33.44 2.09 -2.51
C CYS B 95 -34.17 1.41 -3.66
N GLY B 96 -35.46 1.74 -3.82
CA GLY B 96 -36.37 0.95 -4.64
C GLY B 96 -36.05 0.92 -6.12
N ALA B 97 -35.31 1.90 -6.62
CA ALA B 97 -35.02 1.95 -8.05
C ALA B 97 -33.71 1.29 -8.43
N GLY B 98 -32.95 0.78 -7.45
CA GLY B 98 -31.65 0.20 -7.74
C GLY B 98 -30.59 1.26 -7.98
N SER B 99 -29.54 0.85 -8.68
CA SER B 99 -28.47 1.78 -9.03
C SER B 99 -28.79 2.49 -10.34
N LEU B 100 -28.05 3.56 -10.62
CA LEU B 100 -28.19 4.26 -11.88
C LEU B 100 -27.89 3.35 -13.06
N GLN B 101 -26.98 2.38 -12.87
CA GLN B 101 -26.67 1.46 -13.96
C GLN B 101 -27.87 0.59 -14.30
N ASP B 102 -28.58 0.09 -13.30
CA ASP B 102 -29.84 -0.62 -13.55
C ASP B 102 -30.83 0.28 -14.28
N ILE B 103 -30.88 1.56 -13.90
CA ILE B 103 -31.86 2.46 -14.49
C ILE B 103 -31.56 2.74 -15.96
N TYR B 104 -30.32 3.17 -16.27
CA TYR B 104 -30.04 3.58 -17.64
C TYR B 104 -29.99 2.40 -18.61
N GLN B 105 -29.80 1.18 -18.11
CA GLN B 105 -29.91 0.01 -18.97
C GLN B 105 -31.35 -0.20 -19.45
N VAL B 106 -32.30 0.57 -18.91
CA VAL B 106 -33.70 0.49 -19.30
C VAL B 106 -34.15 1.76 -20.00
N THR B 107 -33.77 2.93 -19.46
CA THR B 107 -34.22 4.21 -19.98
C THR B 107 -33.29 4.79 -21.04
N GLY B 108 -32.10 4.24 -21.22
CA GLY B 108 -31.13 4.87 -22.07
C GLY B 108 -30.43 6.00 -21.34
N SER B 109 -29.65 6.77 -22.10
CA SER B 109 -28.80 7.79 -21.50
C SER B 109 -29.67 8.86 -20.84
N LEU B 110 -29.16 9.38 -19.73
CA LEU B 110 -29.86 10.43 -19.00
C LEU B 110 -29.72 11.77 -19.73
N SER B 111 -30.67 12.65 -19.49
CA SER B 111 -30.54 14.02 -19.98
C SER B 111 -29.38 14.71 -19.30
N GLU B 112 -28.93 15.82 -19.89
CA GLU B 112 -27.85 16.58 -19.26
C GLU B 112 -28.27 17.11 -17.91
N LEU B 113 -29.54 17.50 -17.78
CA LEU B 113 -30.03 18.02 -16.50
C LEU B 113 -30.05 16.93 -15.44
N GLN B 114 -30.47 15.72 -15.82
CA GLN B 114 -30.47 14.61 -14.86
C GLN B 114 -29.06 14.24 -14.44
N ILE B 115 -28.12 14.23 -15.40
CA ILE B 115 -26.73 13.98 -15.07
C ILE B 115 -26.21 15.07 -14.14
N SER B 116 -26.58 16.33 -14.42
CA SER B 116 -26.13 17.44 -13.58
C SER B 116 -26.67 17.30 -12.17
N TYR B 117 -27.93 16.91 -12.02
CA TYR B 117 -28.50 16.68 -10.70
C TYR B 117 -27.72 15.58 -9.98
N VAL B 118 -27.51 14.45 -10.65
CA VAL B 118 -26.75 13.36 -10.05
C VAL B 118 -25.38 13.83 -9.59
N CYS B 119 -24.69 14.60 -10.44
CA CYS B 119 -23.33 15.03 -10.11
C CYS B 119 -23.33 15.95 -8.90
N ARG B 120 -24.31 16.85 -8.80
CA ARG B 120 -24.41 17.69 -7.62
C ARG B 120 -24.65 16.86 -6.37
N GLU B 121 -25.55 15.87 -6.45
CA GLU B 121 -25.89 15.09 -5.28
C GLU B 121 -24.72 14.21 -4.84
N VAL B 122 -23.99 13.60 -5.79
CA VAL B 122 -22.81 12.82 -5.44
C VAL B 122 -21.72 13.72 -4.86
N LEU B 123 -21.53 14.91 -5.45
CA LEU B 123 -20.53 15.84 -4.92
C LEU B 123 -20.87 16.25 -3.49
N GLN B 124 -22.14 16.44 -3.19
CA GLN B 124 -22.54 16.73 -1.82
C GLN B 124 -22.19 15.57 -0.89
N GLY B 125 -22.38 14.34 -1.36
CA GLY B 125 -21.98 13.20 -0.55
C GLY B 125 -20.48 13.08 -0.41
N LEU B 126 -19.74 13.27 -1.52
CA LEU B 126 -18.29 13.19 -1.46
C LEU B 126 -17.70 14.28 -0.57
N ALA B 127 -18.25 15.50 -0.64
CA ALA B 127 -17.78 16.57 0.25
C ALA B 127 -17.94 16.18 1.71
N TYR B 128 -19.06 15.55 2.07
CA TYR B 128 -19.24 15.09 3.44
C TYR B 128 -18.24 13.99 3.78
N LEU B 129 -18.10 13.00 2.89
CA LEU B 129 -17.17 11.91 3.13
C LEU B 129 -15.74 12.43 3.32
N HIS B 130 -15.30 13.29 2.39
CA HIS B 130 -13.93 13.80 2.45
C HIS B 130 -13.72 14.67 3.69
N SER B 131 -14.75 15.42 4.11
CA SER B 131 -14.62 16.21 5.33
C SER B 131 -14.44 15.33 6.56
N GLN B 132 -14.87 14.06 6.48
CA GLN B 132 -14.62 13.07 7.54
C GLN B 132 -13.36 12.25 7.27
N LYS B 133 -12.52 12.69 6.33
CA LYS B 133 -11.29 11.98 5.99
C LYS B 133 -11.58 10.58 5.43
N LYS B 134 -12.72 10.42 4.76
CA LYS B 134 -13.06 9.18 4.10
C LYS B 134 -12.97 9.34 2.59
N ILE B 135 -12.62 8.25 1.93
CA ILE B 135 -12.50 8.19 0.48
C ILE B 135 -13.37 7.04 -0.01
N HIS B 136 -14.20 7.30 -1.01
CA HIS B 136 -15.07 6.23 -1.50
C HIS B 136 -14.28 5.23 -2.34
N ARG B 137 -13.55 5.73 -3.34
CA ARG B 137 -12.65 4.95 -4.18
C ARG B 137 -13.37 3.97 -5.09
N ASP B 138 -14.70 4.04 -5.19
CA ASP B 138 -15.43 3.18 -6.10
C ASP B 138 -16.65 3.88 -6.69
N ILE B 139 -16.55 5.20 -6.92
CA ILE B 139 -17.68 5.93 -7.51
C ILE B 139 -17.92 5.44 -8.92
N LYS B 140 -19.17 5.06 -9.19
CA LYS B 140 -19.58 4.57 -10.51
C LYS B 140 -21.11 4.48 -10.48
N GLY B 141 -21.69 4.26 -11.66
CA GLY B 141 -23.14 4.19 -11.75
C GLY B 141 -23.73 3.12 -10.85
N ALA B 142 -23.05 1.97 -10.74
CA ALA B 142 -23.56 0.85 -9.95
C ALA B 142 -23.58 1.15 -8.46
N ASN B 143 -22.74 2.06 -7.99
CA ASN B 143 -22.68 2.40 -6.57
C ASN B 143 -23.40 3.70 -6.25
N ILE B 144 -24.29 4.15 -7.13
CA ILE B 144 -25.08 5.34 -6.91
C ILE B 144 -26.54 4.88 -6.96
N LEU B 145 -27.16 4.75 -5.78
CA LEU B 145 -28.50 4.20 -5.69
C LEU B 145 -29.55 5.32 -5.67
N ILE B 146 -30.73 4.99 -6.18
CA ILE B 146 -31.88 5.90 -6.21
C ILE B 146 -33.03 5.22 -5.47
N ASN B 147 -33.60 5.91 -4.50
CA ASN B 147 -34.75 5.35 -3.78
C ASN B 147 -36.05 5.82 -4.44
N ASP B 148 -37.18 5.35 -3.90
CA ASP B 148 -38.47 5.69 -4.47
C ASP B 148 -38.77 7.18 -4.30
N ALA B 149 -38.24 7.82 -3.26
CA ALA B 149 -38.41 9.26 -3.11
C ALA B 149 -37.56 10.08 -4.11
N GLY B 150 -36.88 9.44 -5.06
CA GLY B 150 -36.05 10.16 -6.01
C GLY B 150 -34.76 10.69 -5.43
N GLU B 151 -34.33 10.18 -4.29
CA GLU B 151 -33.11 10.66 -3.67
C GLU B 151 -31.91 9.85 -4.17
N VAL B 152 -30.76 10.51 -4.18
CA VAL B 152 -29.50 9.94 -4.65
C VAL B 152 -28.64 9.59 -3.45
N ARG B 153 -28.31 8.31 -3.29
CA ARG B 153 -27.51 7.85 -2.15
C ARG B 153 -26.29 7.08 -2.67
N LEU B 154 -25.11 7.47 -2.20
CA LEU B 154 -23.92 6.66 -2.43
C LEU B 154 -23.98 5.38 -1.61
N ALA B 155 -23.46 4.28 -2.17
CA ALA B 155 -23.54 2.99 -1.52
C ALA B 155 -22.27 2.18 -1.78
N ASP B 156 -22.22 1.02 -1.12
CA ASP B 156 -21.15 0.03 -1.20
C ASP B 156 -19.78 0.62 -0.93
N PHE B 157 -19.41 0.70 0.35
CA PHE B 157 -18.07 1.08 0.77
C PHE B 157 -17.14 -0.13 0.91
N GLY B 158 -17.42 -1.20 0.18
CA GLY B 158 -16.60 -2.40 0.29
C GLY B 158 -15.15 -2.15 -0.08
N ILE B 159 -14.92 -1.49 -1.23
CA ILE B 159 -13.56 -1.15 -1.62
C ILE B 159 -12.93 -0.20 -0.61
N SER B 160 -13.71 0.76 -0.10
CA SER B 160 -13.20 1.67 0.91
C SER B 160 -12.76 0.92 2.17
N ALA B 161 -13.50 -0.13 2.54
CA ALA B 161 -13.12 -0.91 3.71
C ALA B 161 -11.89 -1.77 3.43
N GLN B 162 -11.86 -2.43 2.27
CA GLN B 162 -10.70 -3.26 1.92
C GLN B 162 -9.41 -2.45 1.99
N ILE B 163 -9.41 -1.25 1.43
CA ILE B 163 -8.22 -0.40 1.45
C ILE B 163 -7.90 0.03 2.87
N GLY B 164 -8.92 0.43 3.63
CA GLY B 164 -8.67 0.93 4.98
C GLY B 164 -8.14 -0.14 5.92
N ALA B 165 -8.66 -1.36 5.81
CA ALA B 165 -8.15 -2.47 6.62
C ALA B 165 -6.81 -2.96 6.11
N GLU B 166 -6.59 -2.91 4.80
CA GLU B 166 -5.32 -3.34 4.23
C GLU B 166 -4.18 -2.44 4.70
N LEU B 167 -4.41 -1.12 4.69
CA LEU B 167 -3.38 -0.19 5.15
C LEU B 167 -3.20 -0.28 6.65
N ALA B 168 -4.28 -0.50 7.39
CA ALA B 168 -4.17 -0.65 8.84
C ALA B 168 -3.45 -1.94 9.23
N ARG B 169 -3.64 -3.00 8.44
CA ARG B 169 -2.92 -4.25 8.70
C ARG B 169 -1.42 -4.04 8.63
N ARG B 170 -0.94 -3.46 7.53
CA ARG B 170 0.49 -3.21 7.36
C ARG B 170 1.02 -2.23 8.39
N LEU B 171 0.19 -1.29 8.86
CA LEU B 171 0.63 -0.35 9.88
C LEU B 171 0.76 -1.03 11.24
N GLU B 172 -0.23 -1.85 11.61
CA GLU B 172 -0.16 -2.53 12.91
C GLU B 172 1.07 -3.43 13.00
N PHE B 173 1.44 -4.06 11.89
CA PHE B 173 2.63 -4.90 11.86
C PHE B 173 3.73 -4.23 11.04
N ILE B 174 3.95 -2.93 11.29
CA ILE B 174 4.96 -2.18 10.55
C ILE B 174 6.37 -2.40 11.08
N GLY B 175 6.51 -2.93 12.29
CA GLY B 175 7.81 -3.21 12.85
C GLY B 175 8.59 -1.97 13.24
N THR B 176 9.76 -1.78 12.63
CA THR B 176 10.62 -0.65 12.95
C THR B 176 10.73 0.30 11.77
N PRO B 177 10.11 1.48 11.82
CA PRO B 177 10.28 2.48 10.76
C PRO B 177 11.40 3.49 11.00
N TYR B 178 12.30 3.25 11.94
CA TYR B 178 13.28 4.27 12.31
C TYR B 178 14.32 4.52 11.24
N TRP B 179 14.51 3.59 10.31
CA TRP B 179 15.42 3.77 9.18
C TRP B 179 14.68 4.10 7.89
N MET B 180 13.37 4.28 7.96
CA MET B 180 12.53 4.43 6.78
C MET B 180 12.66 5.84 6.19
N ALA B 181 12.45 5.92 4.88
CA ALA B 181 12.54 7.22 4.22
C ALA B 181 11.19 7.93 4.29
N PRO B 182 11.19 9.27 4.39
CA PRO B 182 9.91 9.99 4.57
C PRO B 182 8.88 9.68 3.51
N GLU B 183 9.28 9.54 2.24
CA GLU B 183 8.30 9.23 1.21
C GLU B 183 7.75 7.82 1.41
N VAL B 184 8.59 6.89 1.84
CA VAL B 184 8.14 5.53 2.13
C VAL B 184 7.16 5.54 3.31
N ALA B 185 7.41 6.41 4.29
CA ALA B 185 6.50 6.52 5.43
C ALA B 185 5.17 7.14 5.01
N ALA B 186 5.23 8.15 4.14
CA ALA B 186 4.01 8.74 3.61
C ALA B 186 3.15 7.69 2.92
N VAL B 187 3.74 6.90 2.02
CA VAL B 187 2.98 5.88 1.31
C VAL B 187 2.47 4.81 2.28
N ALA B 188 3.21 4.51 3.34
CA ALA B 188 2.72 3.54 4.32
C ALA B 188 1.49 4.07 5.05
N LEU B 189 1.52 5.34 5.47
CA LEU B 189 0.41 5.93 6.19
C LEU B 189 -0.73 6.34 5.26
N LYS B 190 -0.41 7.04 4.17
CA LYS B 190 -1.40 7.71 3.35
C LYS B 190 -1.77 6.95 2.08
N GLY B 191 -0.99 5.95 1.67
CA GLY B 191 -1.38 5.05 0.61
C GLY B 191 -1.00 5.49 -0.80
N GLY B 192 -0.53 6.73 -0.99
CA GLY B 192 -0.03 7.15 -2.28
C GLY B 192 -0.98 7.96 -3.14
N TYR B 193 -2.19 8.23 -2.67
CA TYR B 193 -3.12 9.11 -3.36
C TYR B 193 -4.04 9.72 -2.32
N ASN B 194 -4.95 10.59 -2.77
CA ASN B 194 -5.87 11.23 -1.84
C ASN B 194 -7.33 11.18 -2.32
N GLU B 195 -8.19 11.95 -1.68
CA GLU B 195 -9.63 11.88 -1.92
C GLU B 195 -10.02 12.40 -3.30
N LEU B 196 -9.14 13.13 -3.97
CA LEU B 196 -9.48 13.65 -5.30
C LEU B 196 -9.58 12.56 -6.35
N CYS B 197 -9.20 11.33 -6.03
CA CYS B 197 -9.51 10.22 -6.94
C CYS B 197 -11.02 10.05 -7.10
N ASP B 198 -11.80 10.44 -6.09
CA ASP B 198 -13.25 10.40 -6.22
C ASP B 198 -13.77 11.41 -7.24
N ILE B 199 -13.14 12.59 -7.29
CA ILE B 199 -13.57 13.59 -8.27
C ILE B 199 -13.38 13.06 -9.68
N TRP B 200 -12.23 12.44 -9.95
CA TRP B 200 -12.02 11.81 -11.26
C TRP B 200 -13.07 10.76 -11.55
N SER B 201 -13.33 9.88 -10.59
CA SER B 201 -14.32 8.82 -10.80
C SER B 201 -15.69 9.39 -11.12
N LEU B 202 -16.04 10.52 -10.50
CA LEU B 202 -17.31 11.16 -10.80
C LEU B 202 -17.36 11.64 -12.26
N GLY B 203 -16.29 12.28 -12.72
CA GLY B 203 -16.21 12.67 -14.13
C GLY B 203 -16.42 11.49 -15.06
N ILE B 204 -15.79 10.36 -14.77
CA ILE B 204 -16.00 9.16 -15.57
C ILE B 204 -17.46 8.72 -15.49
N THR B 205 -18.05 8.81 -14.28
CA THR B 205 -19.44 8.40 -14.09
C THR B 205 -20.39 9.27 -14.89
N ALA B 206 -20.13 10.57 -14.96
CA ALA B 206 -20.97 11.47 -15.76
C ALA B 206 -20.95 11.06 -17.23
N ILE B 207 -19.78 10.66 -17.74
CA ILE B 207 -19.71 10.15 -19.10
C ILE B 207 -20.50 8.86 -19.22
N GLU B 208 -20.36 7.98 -18.21
CA GLU B 208 -21.09 6.72 -18.19
C GLU B 208 -22.60 6.95 -18.27
N LEU B 209 -23.12 7.91 -17.50
CA LEU B 209 -24.55 8.20 -17.56
C LEU B 209 -24.94 8.79 -18.90
N ALA B 210 -24.01 9.50 -19.55
CA ALA B 210 -24.28 10.07 -20.86
C ALA B 210 -24.22 9.03 -21.96
N GLU B 211 -23.40 7.99 -21.82
CA GLU B 211 -23.12 7.10 -22.94
C GLU B 211 -23.39 5.63 -22.68
N LEU B 212 -23.83 5.27 -21.47
CA LEU B 212 -24.13 3.91 -21.02
C LEU B 212 -22.86 3.08 -20.79
N GLN B 213 -21.68 3.65 -20.97
CA GLN B 213 -20.41 2.96 -20.79
C GLN B 213 -19.38 3.98 -20.32
N PRO B 214 -18.45 3.57 -19.47
CA PRO B 214 -17.27 4.40 -19.24
C PRO B 214 -16.40 4.37 -20.49
N PRO B 215 -15.53 5.37 -20.66
CA PRO B 215 -14.61 5.34 -21.81
C PRO B 215 -13.70 4.12 -21.75
N LEU B 216 -13.32 3.64 -22.93
CA LEU B 216 -12.36 2.55 -23.09
C LEU B 216 -12.85 1.24 -22.47
N PHE B 217 -14.18 1.06 -22.40
CA PHE B 217 -14.77 -0.10 -21.73
C PHE B 217 -14.50 -1.40 -22.47
N ASP B 218 -14.12 -1.34 -23.74
CA ASP B 218 -13.81 -2.54 -24.50
C ASP B 218 -12.32 -2.91 -24.44
N VAL B 219 -11.52 -2.19 -23.67
CA VAL B 219 -10.08 -2.41 -23.61
C VAL B 219 -9.75 -3.24 -22.38
N HIS B 220 -8.73 -4.08 -22.50
CA HIS B 220 -8.32 -4.95 -21.40
C HIS B 220 -7.97 -4.11 -20.17
N PRO B 221 -8.39 -4.54 -18.97
CA PRO B 221 -8.10 -3.75 -17.76
C PRO B 221 -6.62 -3.41 -17.57
N LEU B 222 -5.72 -4.37 -17.80
CA LEU B 222 -4.29 -4.10 -17.62
C LEU B 222 -3.76 -3.12 -18.67
N ARG B 223 -4.40 -3.07 -19.84
CA ARG B 223 -3.99 -2.09 -20.85
C ARG B 223 -4.48 -0.69 -20.50
N VAL B 224 -5.60 -0.58 -19.77
CA VAL B 224 -6.08 0.73 -19.35
C VAL B 224 -5.17 1.31 -18.28
N LEU B 225 -4.86 0.52 -17.25
CA LEU B 225 -3.89 0.92 -16.25
C LEU B 225 -2.57 1.33 -16.91
N PHE B 226 -2.18 0.60 -17.95
CA PHE B 226 -0.93 0.87 -18.64
C PHE B 226 -0.96 2.21 -19.36
N LEU B 227 -2.08 2.55 -19.99
CA LEU B 227 -2.18 3.81 -20.71
C LEU B 227 -2.24 5.00 -19.78
N MET B 228 -2.89 4.86 -18.61
CA MET B 228 -3.07 5.99 -17.72
C MET B 228 -1.76 6.46 -17.10
N THR B 229 -0.73 5.61 -17.10
CA THR B 229 0.53 5.92 -16.43
C THR B 229 1.62 6.36 -17.40
N LYS B 230 1.25 6.92 -18.55
CA LYS B 230 2.21 7.45 -19.51
C LYS B 230 2.11 8.97 -19.55
N SER B 231 3.23 9.61 -19.94
CA SER B 231 3.32 11.05 -19.83
C SER B 231 2.31 11.75 -20.73
N GLY B 232 2.06 11.18 -21.92
CA GLY B 232 1.17 11.82 -22.87
C GLY B 232 -0.29 11.37 -22.78
N TYR B 233 -0.67 10.82 -21.63
CA TYR B 233 -2.03 10.30 -21.46
C TYR B 233 -3.06 11.38 -21.73
N GLN B 234 -4.10 11.02 -22.46
CA GLN B 234 -5.17 11.95 -22.76
C GLN B 234 -6.40 11.58 -21.95
N PRO B 235 -6.83 12.43 -21.02
CA PRO B 235 -8.07 12.15 -20.30
C PRO B 235 -9.23 12.02 -21.25
N PRO B 236 -10.23 11.20 -20.91
CA PRO B 236 -11.35 10.97 -21.82
C PRO B 236 -12.23 12.21 -21.97
N ARG B 237 -13.13 12.14 -22.95
CA ARG B 237 -14.05 13.22 -23.30
C ARG B 237 -15.38 12.60 -23.70
N LEU B 238 -16.42 13.43 -23.78
CA LEU B 238 -17.70 12.95 -24.30
C LEU B 238 -17.59 12.69 -25.80
N LYS B 239 -18.26 11.62 -26.28
CA LYS B 239 -18.21 11.29 -27.71
C LYS B 239 -18.83 12.39 -28.56
N GLU B 240 -20.12 12.64 -28.37
CA GLU B 240 -20.88 13.56 -29.22
C GLU B 240 -20.77 14.96 -28.66
N LYS B 241 -19.90 15.80 -29.26
CA LYS B 241 -19.70 17.14 -28.74
C LYS B 241 -20.97 17.96 -28.80
N GLY B 242 -21.68 17.93 -29.94
CA GLY B 242 -22.86 18.75 -30.13
C GLY B 242 -24.06 18.33 -29.33
N LYS B 243 -23.97 17.23 -28.59
CA LYS B 243 -25.08 16.80 -27.75
C LYS B 243 -25.08 17.46 -26.38
N TRP B 244 -23.97 18.06 -25.97
CA TRP B 244 -23.81 18.54 -24.60
C TRP B 244 -23.33 19.98 -24.60
N SER B 245 -23.76 20.72 -23.57
CA SER B 245 -23.41 22.12 -23.45
C SER B 245 -21.92 22.29 -23.16
N ALA B 246 -21.45 23.52 -23.30
CA ALA B 246 -20.07 23.83 -22.94
C ALA B 246 -19.83 23.64 -21.46
N ALA B 247 -20.84 23.93 -20.64
CA ALA B 247 -20.68 23.75 -19.20
C ALA B 247 -20.40 22.29 -18.84
N PHE B 248 -21.11 21.37 -19.49
CA PHE B 248 -20.89 19.94 -19.27
C PHE B 248 -19.50 19.53 -19.76
N HIS B 249 -19.10 20.03 -20.93
CA HIS B 249 -17.75 19.75 -21.41
C HIS B 249 -16.70 20.26 -20.43
N ASN B 250 -16.89 21.48 -19.92
CA ASN B 250 -15.91 22.00 -18.96
C ASN B 250 -15.95 21.20 -17.67
N PHE B 251 -17.13 20.76 -17.23
CA PHE B 251 -17.21 19.91 -16.05
C PHE B 251 -16.39 18.64 -16.23
N ILE B 252 -16.51 17.99 -17.39
CA ILE B 252 -15.70 16.82 -17.72
C ILE B 252 -14.22 17.17 -17.72
N LYS B 253 -13.88 18.28 -18.35
CA LYS B 253 -12.47 18.68 -18.46
C LYS B 253 -11.83 18.87 -17.09
N VAL B 254 -12.54 19.49 -16.15
CA VAL B 254 -11.89 19.80 -14.87
C VAL B 254 -11.93 18.60 -13.94
N THR B 255 -13.01 17.82 -13.94
CA THR B 255 -13.01 16.64 -13.07
C THR B 255 -11.99 15.62 -13.54
N LEU B 256 -11.75 15.55 -14.84
CA LEU B 256 -10.75 14.63 -15.42
C LEU B 256 -9.39 15.29 -15.60
N THR B 257 -8.98 16.14 -14.66
CA THR B 257 -7.63 16.66 -14.64
C THR B 257 -6.64 15.55 -14.30
N LYS B 258 -5.61 15.39 -15.14
CA LYS B 258 -4.57 14.39 -14.91
C LYS B 258 -3.98 14.51 -13.51
N SER B 259 -3.41 15.66 -13.22
CA SER B 259 -2.60 15.83 -12.02
C SER B 259 -3.52 16.03 -10.81
N PRO B 260 -3.47 15.15 -9.80
CA PRO B 260 -4.32 15.35 -8.62
C PRO B 260 -3.99 16.62 -7.87
N LYS B 261 -2.81 17.19 -8.07
CA LYS B 261 -2.46 18.45 -7.40
C LYS B 261 -3.21 19.64 -7.97
N LYS B 262 -3.83 19.50 -9.14
CA LYS B 262 -4.62 20.57 -9.74
C LYS B 262 -6.10 20.24 -9.87
N ARG B 263 -6.52 19.03 -9.51
CA ARG B 263 -7.93 18.65 -9.64
C ARG B 263 -8.75 19.31 -8.55
N PRO B 264 -9.87 19.94 -8.88
CA PRO B 264 -10.65 20.64 -7.85
C PRO B 264 -11.32 19.68 -6.89
N SER B 265 -11.53 20.16 -5.66
CA SER B 265 -12.15 19.38 -4.61
C SER B 265 -13.65 19.25 -4.84
N ALA B 266 -14.29 18.41 -4.02
CA ALA B 266 -15.73 18.24 -4.10
C ALA B 266 -16.45 19.56 -3.82
N THR B 267 -15.97 20.32 -2.84
CA THR B 267 -16.58 21.60 -2.50
C THR B 267 -16.38 22.61 -3.63
N LYS B 268 -15.16 22.70 -4.16
CA LYS B 268 -14.90 23.59 -5.28
C LYS B 268 -15.79 23.23 -6.47
N MET B 269 -15.96 21.94 -6.73
CA MET B 269 -16.79 21.50 -7.85
C MET B 269 -18.26 21.82 -7.65
N LEU B 270 -18.70 21.99 -6.40
CA LEU B 270 -20.09 22.34 -6.17
C LEU B 270 -20.41 23.74 -6.67
N SER B 271 -19.38 24.59 -6.85
CA SER B 271 -19.60 25.92 -7.41
C SER B 271 -19.51 25.94 -8.93
N HIS B 272 -19.32 24.79 -9.57
CA HIS B 272 -19.25 24.75 -11.03
C HIS B 272 -20.60 25.11 -11.64
N GLN B 273 -20.52 25.77 -12.81
CA GLN B 273 -21.73 26.22 -13.50
C GLN B 273 -22.71 25.09 -13.76
N LEU B 274 -22.19 23.89 -14.02
CA LEU B 274 -23.07 22.78 -14.41
C LEU B 274 -23.96 22.34 -13.24
N VAL B 275 -23.41 22.25 -12.03
CA VAL B 275 -24.13 21.68 -10.90
C VAL B 275 -24.72 22.74 -9.99
N SER B 276 -24.52 24.02 -10.30
CA SER B 276 -25.11 25.11 -9.53
C SER B 276 -26.26 25.80 -10.27
N GLN B 277 -26.76 25.19 -11.34
CA GLN B 277 -27.81 25.82 -12.13
C GLN B 277 -29.18 25.62 -11.50
N PRO B 278 -30.09 26.59 -11.65
CA PRO B 278 -31.34 26.55 -10.88
C PRO B 278 -32.30 25.44 -11.27
N GLY B 279 -32.17 24.85 -12.46
CA GLY B 279 -33.14 23.89 -12.92
C GLY B 279 -32.97 22.50 -12.34
N LEU B 280 -32.13 22.37 -11.32
CA LEU B 280 -31.82 21.06 -10.74
C LEU B 280 -32.71 20.84 -9.51
N ASN B 281 -33.48 19.76 -9.55
CA ASN B 281 -34.35 19.37 -8.44
C ASN B 281 -34.70 17.89 -8.59
N ARG B 282 -35.21 17.31 -7.50
CA ARG B 282 -35.50 15.88 -7.50
C ARG B 282 -36.55 15.50 -8.53
N GLY B 283 -37.37 16.46 -8.99
CA GLY B 283 -38.30 16.17 -10.06
C GLY B 283 -37.64 15.56 -11.27
N LEU B 284 -36.38 15.94 -11.54
CA LEU B 284 -35.64 15.34 -12.64
C LEU B 284 -35.49 13.82 -12.45
N ILE B 285 -35.20 13.40 -11.22
CA ILE B 285 -35.04 11.98 -10.94
C ILE B 285 -36.41 11.28 -10.92
N LEU B 286 -37.38 11.88 -10.24
CA LEU B 286 -38.72 11.31 -10.25
C LEU B 286 -39.26 11.17 -11.68
N ASP B 287 -38.91 12.11 -12.57
CA ASP B 287 -39.24 11.95 -13.98
C ASP B 287 -38.52 10.76 -14.59
N LEU B 288 -37.27 10.52 -14.20
CA LEU B 288 -36.54 9.38 -14.71
C LEU B 288 -37.17 8.07 -14.23
N LEU B 289 -37.64 8.03 -12.99
CA LEU B 289 -38.29 6.82 -12.48
C LEU B 289 -39.60 6.55 -13.19
N ASP B 290 -40.34 7.61 -13.56
CA ASP B 290 -41.57 7.44 -14.35
C ASP B 290 -41.26 6.76 -15.68
N LYS B 291 -40.22 7.25 -16.38
CA LYS B 291 -39.77 6.60 -17.60
C LYS B 291 -39.35 5.17 -17.32
N LEU B 292 -38.68 4.94 -16.19
CA LEU B 292 -38.25 3.59 -15.82
C LEU B 292 -39.45 2.66 -15.65
N LYS B 293 -40.54 3.16 -15.07
CA LYS B 293 -41.78 2.40 -14.97
C LYS B 293 -42.46 2.16 -16.31
N ASN B 294 -42.09 2.93 -17.35
CA ASN B 294 -42.65 2.78 -18.69
C ASN B 294 -44.14 3.05 -18.70
C4 2WI C . 25.92 -14.53 9.32
C6 2WI C . 24.82 -14.95 7.32
C7 2WI C . 23.57 -14.74 7.91
C8 2WI C . 22.54 -14.93 6.80
C10 2WI C . 21.53 -13.83 6.52
N12 2WI C . 24.72 -15.28 5.97
C13 2WI C . 24.74 -13.92 11.44
C15 2WI C . 24.18 -12.34 13.18
C17 2WI C . 25.35 -14.37 13.74
C20 2WI C . 25.94 -15.27 14.75
C24 2WI C . 28.25 -14.85 14.01
C1 2WI C . 22.18 -14.17 9.92
C11 2WI C . 23.32 -15.54 5.63
C14 2WI C . 24.19 -12.71 11.85
C16 2WI C . 24.76 -13.15 14.13
C18 2WI C . 25.33 -14.75 12.40
C2 2WI C . 23.52 -14.40 9.26
C23 2WI C . 27.76 -16.42 15.91
C3 2WI C . 24.72 -14.30 9.99
C9 2WI C . 21.05 -15.21 6.95
F19 2WI C . 25.90 -15.92 12.04
N22 2WI C . 27.26 -15.50 14.87
N25 2WI C . 24.75 -12.76 15.46
N5 2WI C . 25.94 -14.85 8.04
O21 2WI C . 25.18 -15.84 15.50
S SO4 D . 19.98 -33.70 -6.05
O1 SO4 D . 20.21 -33.04 -4.77
O2 SO4 D . 19.71 -35.11 -5.84
O3 SO4 D . 18.83 -33.07 -6.71
O4 SO4 D . 21.16 -33.55 -6.90
C4 2WI E . -30.87 -1.14 -3.27
C6 2WI E . -29.65 -0.97 -1.31
C7 2WI E . -28.70 -1.90 -1.78
C8 2WI E . -27.66 -2.04 -0.67
C10 2WI E . -26.18 -1.96 -1.01
N12 2WI E . -29.34 -0.49 -0.05
C13 2WI E . -30.26 -2.59 -5.19
C15 2WI E . -29.56 -2.78 -7.51
C17 2WI E . -31.66 -3.74 -6.78
C20 2WI E . -32.88 -4.48 -7.11
C24 2WI E . -34.23 -2.43 -6.93
C1 2WI E . -27.89 -3.47 -3.59
C11 2WI E . -28.19 -1.20 0.49
C14 2WI E . -29.35 -2.33 -6.23
C16 2WI E . -30.72 -3.49 -7.80
C18 2WI E . -31.42 -3.29 -5.48
C2 2WI E . -28.87 -2.46 -3.04
C23 2WI E . -35.28 -4.66 -7.48
C3 2WI E . -29.98 -2.07 -3.81
C9 2WI E . -26.77 -3.26 -0.42
F19 2WI E . -32.34 -3.53 -4.52
N22 2WI E . -34.08 -3.86 -7.17
N25 2WI E . -30.96 -3.95 -9.08
N5 2WI E . -30.68 -0.63 -2.07
O21 2WI E . -32.80 -5.68 -7.30
#